data_3SC7
#
_entry.id   3SC7
#
_cell.length_a   95.090
_cell.length_b   95.090
_cell.length_c   130.560
_cell.angle_alpha   90.00
_cell.angle_beta   90.00
_cell.angle_gamma   120.00
#
_symmetry.space_group_name_H-M   'P 31 2 1'
#
loop_
_entity.id
_entity.type
_entity.pdbx_description
1 polymer Inulinase
2 branched alpha-D-mannopyranose-(1-3)-alpha-D-mannopyranose-(1-6)-alpha-D-mannopyranose
3 branched beta-D-mannopyranose-(1-4)-2-acetamido-2-deoxy-beta-D-glucopyranose-(1-4)-2-acetamido-2-deoxy-beta-D-glucopyranose
4 non-polymer '4-(2-HYDROXYETHYL)-1-PIPERAZINE ETHANESULFONIC ACID'
5 water water
#
_entity_poly.entity_id   1
_entity_poly.type   'polypeptide(L)'
_entity_poly.pdbx_seq_one_letter_code
;MLNPKVAYMVWMTCLGLTLPSQAQSNDYRPSYHFTPDQYWMNEPNGLIKIGSTWHLFFQHNPTANVWGNICWGHATSTDL
MHWAHKPTAIADENGVEAFTGTAYYDPNNTSGLGDSANPPYLAWFTGYTTSSQTQDQRLAFSVDNGATWTKFQGNPIIST
SQEAPHDITGGLESRDPKVFFHRQSGNWIMVLAHGGQDKLSFWTSADTINWTWQSDLKSTSINGLSSDITGWEVPDMFEL
PVEGTEETTWVVMMTPAEGSPAGGNGVLAITGSFDGKSFTADPVDASTMWLDNGRDFDGALSWVNVPASDGRRIIAAVMN
SYGSNPPTTTWKGMLSFPRTLSLKKVGTQQHFVQQPITELDTISTSLQILANQTITPGQTLLSSIRGTALDVRVAFYPDA
GSVLSLAVRKGASEQTVIKYTQSDATLSVDRTESGDISYDPAAGGVHTAKLEEDGTGLVSIRVLVDTCSVEVFGGQGEAV
ISDLIFPSDSSDGLALEVTGGNAVLQSVDVRSVSLE
;
_entity_poly.pdbx_strand_id   X
#
# COMPACT_ATOMS: atom_id res chain seq x y z
N GLN A 24 2.14 -20.91 14.74
CA GLN A 24 0.82 -21.52 14.58
C GLN A 24 1.09 -22.69 13.73
N SER A 25 1.81 -23.57 14.37
CA SER A 25 2.70 -24.37 13.70
C SER A 25 3.72 -23.43 13.01
N ASN A 26 3.37 -22.44 12.16
CA ASN A 26 4.48 -21.65 11.50
C ASN A 26 4.50 -20.13 11.75
N ASP A 27 3.99 -19.74 12.93
CA ASP A 27 4.01 -18.33 13.35
C ASP A 27 3.26 -17.46 12.33
N TYR A 28 2.27 -18.07 11.69
CA TYR A 28 1.43 -17.39 10.69
C TYR A 28 2.21 -16.77 9.54
N ARG A 29 3.42 -17.27 9.26
CA ARG A 29 4.23 -16.65 8.21
C ARG A 29 3.49 -16.72 6.86
N PRO A 30 3.33 -15.56 6.21
CA PRO A 30 2.80 -15.57 4.85
C PRO A 30 3.70 -16.37 3.93
N SER A 31 3.12 -17.08 2.96
CA SER A 31 3.96 -17.84 2.08
C SER A 31 4.33 -17.10 0.80
N TYR A 32 3.59 -16.05 0.45
CA TYR A 32 3.97 -15.31 -0.77
C TYR A 32 3.91 -13.79 -0.66
N HIS A 33 3.73 -13.27 0.56
CA HIS A 33 3.87 -11.84 0.83
C HIS A 33 5.17 -11.62 1.58
N PHE A 34 5.77 -10.44 1.39
CA PHE A 34 7.00 -10.11 2.09
C PHE A 34 6.78 -9.90 3.59
N THR A 35 7.67 -10.49 4.37
CA THR A 35 7.80 -10.14 5.77
C THR A 35 9.29 -9.99 6.06
N PRO A 36 9.65 -9.23 7.11
CA PRO A 36 11.08 -9.11 7.42
C PRO A 36 11.65 -10.48 7.79
N ASP A 37 12.95 -10.67 7.58
CA ASP A 37 13.54 -11.94 7.94
C ASP A 37 13.34 -12.24 9.43
N GLN A 38 13.45 -11.19 10.24
CA GLN A 38 13.07 -11.26 11.64
C GLN A 38 12.58 -9.89 12.07
N TYR A 39 11.75 -9.89 13.10
CA TYR A 39 11.36 -8.67 13.82
C TYR A 39 10.27 -7.88 13.10
N TRP A 40 10.18 -6.58 13.39
CA TRP A 40 8.95 -5.85 13.10
C TRP A 40 9.11 -4.86 11.96
N MET A 41 8.13 -4.84 11.04
CA MET A 41 8.13 -3.84 9.99
C MET A 41 6.90 -2.95 10.08
N ASN A 42 7.11 -1.66 9.80
CA ASN A 42 6.03 -0.73 9.51
C ASN A 42 5.99 -0.42 8.01
N GLU A 43 5.75 0.83 7.63
CA GLU A 43 5.51 1.14 6.23
C GLU A 43 6.75 0.95 5.35
N PRO A 44 6.54 0.69 4.06
CA PRO A 44 7.65 0.66 3.12
C PRO A 44 8.28 2.05 2.97
N ASN A 45 9.54 2.05 2.53
CA ASN A 45 10.32 3.27 2.30
C ASN A 45 11.10 3.12 1.00
N GLY A 46 11.40 4.26 0.38
CA GLY A 46 12.43 4.31 -0.69
C GLY A 46 12.26 3.36 -1.86
N LEU A 47 11.01 3.10 -2.23
CA LEU A 47 10.75 2.13 -3.32
C LEU A 47 11.30 2.65 -4.64
N ILE A 48 12.22 1.86 -5.22
CA ILE A 48 12.87 2.26 -6.46
C ILE A 48 13.29 1.04 -7.26
N LYS A 49 13.13 1.12 -8.59
CA LYS A 49 13.72 0.10 -9.46
C LYS A 49 15.08 0.56 -9.98
N ILE A 50 16.07 -0.32 -9.88
CA ILE A 50 17.43 0.01 -10.28
C ILE A 50 17.89 -1.11 -11.20
N GLY A 51 17.99 -0.80 -12.50
CA GLY A 51 18.30 -1.84 -13.47
C GLY A 51 17.22 -2.91 -13.46
N SER A 52 17.62 -4.17 -13.29
CA SER A 52 16.64 -5.26 -13.26
C SER A 52 16.14 -5.56 -11.84
N THR A 53 16.54 -4.73 -10.87
CA THR A 53 16.26 -5.03 -9.47
C THR A 53 15.26 -4.05 -8.86
N TRP A 54 14.17 -4.61 -8.34
CA TRP A 54 13.22 -3.87 -7.51
C TRP A 54 13.78 -3.80 -6.09
N HIS A 55 13.92 -2.58 -5.59
CA HIS A 55 14.36 -2.38 -4.21
C HIS A 55 13.21 -2.06 -3.30
N LEU A 56 13.21 -2.76 -2.18
CA LEU A 56 12.21 -2.56 -1.12
C LEU A 56 12.96 -2.15 0.14
N PHE A 57 12.66 -0.96 0.67
CA PHE A 57 13.12 -0.64 2.02
C PHE A 57 11.88 -0.52 2.87
N PHE A 58 12.09 -0.46 4.18
CA PHE A 58 10.93 -0.37 5.08
C PHE A 58 11.37 0.04 6.47
N GLN A 59 10.44 0.60 7.22
CA GLN A 59 10.66 0.88 8.62
C GLN A 59 10.82 -0.43 9.38
N HIS A 60 12.01 -0.64 9.94
CA HIS A 60 12.34 -1.90 10.59
C HIS A 60 12.70 -1.63 12.05
N ASN A 61 12.15 -2.46 12.93
CA ASN A 61 12.36 -2.40 14.38
C ASN A 61 12.94 -3.74 14.83
N PRO A 62 14.27 -3.92 14.73
CA PRO A 62 14.95 -5.17 15.15
C PRO A 62 14.92 -5.48 16.64
N THR A 63 14.61 -4.50 17.49
CA THR A 63 14.47 -4.69 18.93
C THR A 63 13.18 -5.46 19.26
N ALA A 64 12.21 -5.39 18.35
CA ALA A 64 10.97 -6.16 18.47
C ALA A 64 10.23 -5.87 19.80
N ASN A 65 10.17 -4.60 20.16
CA ASN A 65 9.19 -4.09 21.11
C ASN A 65 8.88 -2.63 20.76
N VAL A 66 7.83 -2.07 21.35
CA VAL A 66 7.37 -0.74 20.92
C VAL A 66 8.37 0.39 21.12
N TRP A 67 9.38 0.15 21.96
CA TRP A 67 10.38 1.18 22.27
C TRP A 67 11.64 1.05 21.42
N GLY A 68 11.65 0.10 20.50
CA GLY A 68 12.79 -0.13 19.62
C GLY A 68 13.09 1.03 18.67
N ASN A 69 14.38 1.25 18.42
CA ASN A 69 14.83 2.24 17.45
C ASN A 69 14.55 1.78 16.02
N ILE A 70 14.09 2.70 15.19
CA ILE A 70 13.78 2.38 13.79
C ILE A 70 14.97 2.63 12.86
N CYS A 71 15.15 1.70 11.92
CA CYS A 71 16.12 1.83 10.84
C CYS A 71 15.44 1.47 9.51
N TRP A 72 16.10 1.70 8.38
CA TRP A 72 15.57 1.19 7.10
C TRP A 72 16.07 -0.21 6.86
N GLY A 73 15.16 -1.17 6.82
CA GLY A 73 15.51 -2.51 6.35
C GLY A 73 15.49 -2.51 4.81
N HIS A 74 15.91 -3.64 4.23
CA HIS A 74 16.15 -3.70 2.79
C HIS A 74 15.98 -5.10 2.27
N ALA A 75 15.29 -5.23 1.14
CA ALA A 75 15.24 -6.48 0.41
C ALA A 75 15.21 -6.17 -1.09
N THR A 76 15.63 -7.12 -1.91
CA THR A 76 15.59 -6.94 -3.36
C THR A 76 14.96 -8.13 -4.08
N SER A 77 14.45 -7.86 -5.28
CA SER A 77 13.89 -8.91 -6.13
C SER A 77 14.00 -8.52 -7.59
N THR A 78 13.87 -9.50 -8.48
CA THR A 78 13.76 -9.17 -9.90
C THR A 78 12.31 -9.20 -10.39
N ASP A 79 11.39 -9.69 -9.54
CA ASP A 79 9.99 -9.93 -9.95
C ASP A 79 8.92 -9.45 -8.98
N LEU A 80 9.32 -8.65 -7.98
CA LEU A 80 8.40 -8.13 -6.97
C LEU A 80 7.78 -9.20 -6.07
N MET A 81 8.34 -10.42 -6.10
CA MET A 81 7.76 -11.55 -5.39
C MET A 81 8.78 -12.39 -4.63
N HIS A 82 9.94 -12.67 -5.25
CA HIS A 82 10.97 -13.47 -4.58
C HIS A 82 12.01 -12.52 -3.99
N TRP A 83 11.87 -12.25 -2.71
CA TRP A 83 12.67 -11.21 -2.05
C TRP A 83 13.89 -11.79 -1.36
N ALA A 84 15.04 -11.15 -1.62
CA ALA A 84 16.29 -11.50 -0.97
C ALA A 84 16.53 -10.48 0.12
N HIS A 85 16.64 -10.96 1.36
CA HIS A 85 16.90 -10.09 2.50
C HIS A 85 18.31 -9.53 2.47
N LYS A 86 18.40 -8.24 2.76
CA LYS A 86 19.68 -7.53 2.79
C LYS A 86 19.91 -6.93 4.18
N PRO A 87 21.15 -6.49 4.45
CA PRO A 87 21.40 -5.84 5.74
C PRO A 87 20.64 -4.52 5.86
N THR A 88 20.60 -3.97 7.07
CA THR A 88 20.08 -2.63 7.27
C THR A 88 20.72 -1.68 6.27
N ALA A 89 19.88 -0.89 5.59
CA ALA A 89 20.35 0.09 4.61
C ALA A 89 20.74 1.41 5.23
N ILE A 90 19.91 1.90 6.16
CA ILE A 90 20.14 3.17 6.84
C ILE A 90 19.90 2.97 8.33
N ALA A 91 20.97 3.07 9.13
CA ALA A 91 20.89 2.71 10.53
C ALA A 91 20.41 3.86 11.41
N ASP A 92 19.77 3.52 12.51
CA ASP A 92 19.66 4.47 13.62
C ASP A 92 21.07 4.64 14.18
N GLU A 93 21.41 5.88 14.53
CA GLU A 93 22.77 6.20 14.94
C GLU A 93 22.73 7.49 15.73
N ASN A 94 23.37 7.49 16.89
CA ASN A 94 23.63 8.72 17.65
C ASN A 94 22.50 9.66 18.21
N GLY A 95 21.47 9.25 18.96
CA GLY A 95 20.42 8.34 18.59
C GLY A 95 19.41 9.17 17.77
N VAL A 96 19.64 9.13 16.47
CA VAL A 96 18.69 9.60 15.48
C VAL A 96 18.18 8.35 14.77
N GLU A 97 16.87 8.12 14.83
CA GLU A 97 16.23 7.00 14.17
C GLU A 97 15.96 7.38 12.71
N ALA A 98 15.96 6.37 11.83
CA ALA A 98 15.75 6.60 10.41
C ALA A 98 14.28 6.36 10.06
N PHE A 99 13.52 7.44 10.16
CA PHE A 99 12.08 7.39 9.85
C PHE A 99 11.84 7.39 8.34
N THR A 100 10.59 7.45 7.95
CA THR A 100 10.17 7.19 6.58
C THR A 100 10.72 8.18 5.56
N GLY A 101 10.85 7.71 4.34
CA GLY A 101 11.20 8.58 3.22
C GLY A 101 11.17 7.80 1.92
N THR A 102 11.77 8.41 0.90
CA THR A 102 11.64 7.94 -0.48
C THR A 102 13.00 8.02 -1.18
N ALA A 103 13.07 7.47 -2.38
CA ALA A 103 14.34 7.41 -3.12
C ALA A 103 14.15 7.93 -4.55
N TYR A 104 15.27 8.28 -5.20
CA TYR A 104 15.23 8.74 -6.57
C TYR A 104 16.63 8.68 -7.14
N TYR A 105 16.70 8.51 -8.46
CA TYR A 105 17.98 8.51 -9.18
C TYR A 105 18.39 9.93 -9.54
N ASP A 106 19.70 10.20 -9.39
CA ASP A 106 20.31 11.51 -9.70
C ASP A 106 21.30 11.35 -10.88
N PRO A 107 20.78 11.09 -12.10
CA PRO A 107 21.67 10.70 -13.21
C PRO A 107 22.68 11.77 -13.59
N ASN A 108 22.32 13.04 -13.38
CA ASN A 108 23.21 14.16 -13.68
C ASN A 108 24.14 14.55 -12.53
N ASN A 109 24.13 13.77 -11.45
CA ASN A 109 24.99 14.00 -10.30
C ASN A 109 24.86 15.42 -9.73
N THR A 110 23.63 15.91 -9.68
CA THR A 110 23.35 17.27 -9.19
C THR A 110 23.71 17.42 -7.72
N SER A 111 23.65 16.31 -6.97
CA SER A 111 24.07 16.25 -5.58
C SER A 111 25.58 16.29 -5.37
N GLY A 112 26.33 15.94 -6.42
CA GLY A 112 27.79 15.80 -6.34
C GLY A 112 28.29 14.63 -5.52
N LEU A 113 27.38 13.72 -5.15
CA LEU A 113 27.72 12.62 -4.26
C LEU A 113 28.23 11.38 -4.99
N GLY A 114 27.98 11.34 -6.29
CA GLY A 114 28.55 10.32 -7.17
C GLY A 114 29.55 10.98 -8.09
N ASP A 115 29.63 10.48 -9.32
CA ASP A 115 30.42 11.12 -10.39
C ASP A 115 29.79 10.81 -11.74
N SER A 116 30.40 11.27 -12.83
CA SER A 116 29.86 11.07 -14.18
C SER A 116 29.73 9.60 -14.61
N ALA A 117 30.66 8.76 -14.16
CA ALA A 117 30.64 7.33 -14.48
C ALA A 117 29.74 6.56 -13.54
N ASN A 118 29.43 7.20 -12.41
CA ASN A 118 28.75 6.52 -11.34
C ASN A 118 27.83 7.51 -10.64
N PRO A 119 26.73 7.92 -11.31
CA PRO A 119 25.80 8.87 -10.69
C PRO A 119 25.13 8.18 -9.50
N PRO A 120 24.77 8.97 -8.46
CA PRO A 120 24.24 8.37 -7.25
C PRO A 120 22.74 8.11 -7.30
N TYR A 121 22.34 7.05 -6.61
CA TYR A 121 20.94 6.91 -6.17
C TYR A 121 20.85 7.55 -4.80
N LEU A 122 19.74 8.24 -4.55
CA LEU A 122 19.57 9.03 -3.33
C LEU A 122 18.32 8.60 -2.56
N ALA A 123 18.38 8.73 -1.24
CA ALA A 123 17.23 8.48 -0.36
C ALA A 123 17.13 9.66 0.58
N TRP A 124 15.91 10.17 0.75
CA TRP A 124 15.66 11.24 1.73
C TRP A 124 14.80 10.63 2.82
N PHE A 125 15.15 10.89 4.07
CA PHE A 125 14.48 10.26 5.20
C PHE A 125 14.40 11.23 6.35
N THR A 126 13.37 11.08 7.18
CA THR A 126 13.28 11.89 8.37
C THR A 126 14.19 11.35 9.46
N GLY A 127 15.03 12.22 10.01
CA GLY A 127 15.78 11.86 11.20
C GLY A 127 14.98 12.22 12.43
N TYR A 128 14.65 11.19 13.23
CA TYR A 128 13.91 11.39 14.47
C TYR A 128 14.85 11.29 15.64
N THR A 129 15.07 12.41 16.32
CA THR A 129 15.95 12.39 17.49
C THR A 129 15.12 11.92 18.67
N THR A 130 15.38 10.70 19.11
CA THR A 130 14.57 10.05 20.13
C THR A 130 14.39 10.88 21.40
N SER A 131 15.48 11.47 21.88
CA SER A 131 15.45 12.14 23.19
C SER A 131 14.61 13.42 23.21
N SER A 132 14.62 14.14 22.08
CA SER A 132 13.95 15.44 21.98
C SER A 132 12.69 15.39 21.10
N GLN A 133 12.53 14.29 20.36
CA GLN A 133 11.41 14.08 19.43
C GLN A 133 11.45 14.99 18.22
N THR A 134 12.58 15.61 17.95
CA THR A 134 12.67 16.43 16.75
C THR A 134 12.62 15.58 15.48
N GLN A 135 12.10 16.19 14.43
CA GLN A 135 12.04 15.57 13.11
C GLN A 135 12.67 16.51 12.11
N ASP A 136 13.77 16.05 11.51
CA ASP A 136 14.47 16.83 10.49
C ASP A 136 14.61 15.96 9.24
N GLN A 137 15.11 16.54 8.14
CA GLN A 137 15.22 15.78 6.91
C GLN A 137 16.65 15.54 6.56
N ARG A 138 16.92 14.32 6.09
CA ARG A 138 18.28 13.80 5.92
C ARG A 138 18.41 13.09 4.58
N LEU A 139 19.66 12.93 4.15
CA LEU A 139 19.96 12.35 2.85
C LEU A 139 20.92 11.19 2.98
N ALA A 140 20.75 10.18 2.12
CA ALA A 140 21.71 9.09 2.02
C ALA A 140 21.94 8.81 0.54
N PHE A 141 23.09 8.22 0.20
CA PHE A 141 23.41 8.03 -1.22
C PHE A 141 24.08 6.68 -1.47
N SER A 142 23.85 6.15 -2.67
CA SER A 142 24.45 4.89 -3.07
C SER A 142 25.14 5.07 -4.41
N VAL A 143 26.38 4.59 -4.47
CA VAL A 143 27.15 4.62 -5.70
C VAL A 143 27.45 3.21 -6.19
N ASP A 144 26.80 2.22 -5.58
CA ASP A 144 26.90 0.84 -6.05
C ASP A 144 25.52 0.28 -6.42
N ASN A 145 24.70 1.11 -7.10
CA ASN A 145 23.40 0.71 -7.62
C ASN A 145 22.44 0.17 -6.54
N GLY A 146 22.51 0.76 -5.36
CA GLY A 146 21.57 0.47 -4.27
C GLY A 146 21.99 -0.59 -3.27
N ALA A 147 23.15 -1.22 -3.49
CA ALA A 147 23.61 -2.24 -2.55
C ALA A 147 23.94 -1.68 -1.17
N THR A 148 24.68 -0.56 -1.13
CA THR A 148 25.07 0.05 0.15
C THR A 148 24.78 1.53 0.10
N TRP A 149 24.49 2.10 1.26
CA TRP A 149 24.05 3.48 1.36
C TRP A 149 24.88 4.19 2.43
N THR A 150 25.25 5.44 2.14
CA THR A 150 26.02 6.23 3.07
C THR A 150 25.23 7.48 3.40
N LYS A 151 25.16 7.81 4.69
CA LYS A 151 24.46 9.02 5.12
C LYS A 151 25.29 10.22 4.76
N PHE A 152 24.65 11.22 4.19
CA PHE A 152 25.31 12.46 3.79
C PHE A 152 25.97 13.12 5.01
N GLN A 153 27.24 13.50 4.87
CA GLN A 153 27.97 14.10 6.00
C GLN A 153 27.33 15.40 6.50
N GLY A 154 26.65 16.13 5.61
CA GLY A 154 26.05 17.42 5.96
C GLY A 154 24.64 17.32 6.51
N ASN A 155 24.19 16.11 6.84
CA ASN A 155 22.87 15.94 7.45
C ASN A 155 22.74 16.73 8.76
N PRO A 156 21.54 17.26 9.05
CA PRO A 156 20.34 17.22 8.22
C PRO A 156 20.35 18.22 7.07
N ILE A 157 19.71 17.85 5.97
CA ILE A 157 19.59 18.75 4.81
C ILE A 157 18.47 19.78 4.97
N ILE A 158 17.50 19.49 5.84
CA ILE A 158 16.54 20.49 6.31
C ILE A 158 16.51 20.39 7.82
N SER A 159 16.94 21.47 8.48
CA SER A 159 17.05 21.51 9.92
C SER A 159 15.72 21.86 10.56
N THR A 160 15.61 21.62 11.87
CA THR A 160 14.39 22.06 12.58
C THR A 160 14.18 23.57 12.43
N SER A 161 15.27 24.34 12.44
CA SER A 161 15.15 25.80 12.28
C SER A 161 14.56 26.20 10.94
N GLN A 162 14.90 25.45 9.88
CA GLN A 162 14.34 25.72 8.57
C GLN A 162 12.89 25.29 8.48
N GLU A 163 12.54 24.26 9.24
CA GLU A 163 11.15 23.80 9.28
C GLU A 163 10.25 24.70 10.11
N ALA A 164 10.81 25.32 11.15
CA ALA A 164 10.01 26.01 12.16
C ALA A 164 9.02 27.08 11.63
N PRO A 165 9.40 27.86 10.59
CA PRO A 165 8.43 28.81 10.01
C PRO A 165 7.20 28.15 9.37
N HIS A 166 7.28 26.83 9.16
CA HIS A 166 6.25 26.08 8.44
C HIS A 166 5.65 24.95 9.26
N ASP A 167 6.16 24.77 10.46
CA ASP A 167 5.73 23.69 11.34
C ASP A 167 5.53 24.34 12.72
N ILE A 168 4.27 24.46 13.15
CA ILE A 168 3.98 25.21 14.39
C ILE A 168 4.55 24.57 15.64
N THR A 169 4.98 23.30 15.53
CA THR A 169 5.65 22.64 16.65
C THR A 169 7.14 22.97 16.73
N GLY A 170 7.66 23.73 15.75
CA GLY A 170 9.06 24.16 15.80
C GLY A 170 10.02 23.10 15.27
N GLY A 171 9.48 22.05 14.67
CA GLY A 171 10.30 20.96 14.16
C GLY A 171 10.06 19.61 14.79
N LEU A 172 8.86 19.42 15.35
CA LEU A 172 8.49 18.08 15.85
C LEU A 172 7.51 17.36 14.94
N GLU A 173 7.08 18.01 13.87
CA GLU A 173 5.98 17.49 13.07
C GLU A 173 6.18 17.86 11.61
N SER A 174 7.27 17.33 11.06
CA SER A 174 7.70 17.56 9.68
C SER A 174 8.37 16.27 9.27
N ARG A 175 7.75 15.52 8.37
CA ARG A 175 8.27 14.17 8.12
C ARG A 175 7.83 13.54 6.82
N ASP A 176 8.48 12.42 6.52
CA ASP A 176 8.13 11.50 5.46
C ASP A 176 8.35 12.11 4.08
N PRO A 177 9.56 12.60 3.81
CA PRO A 177 9.79 13.33 2.55
C PRO A 177 9.65 12.46 1.32
N LYS A 178 8.78 12.92 0.42
CA LYS A 178 8.69 12.40 -0.93
C LYS A 178 9.49 13.34 -1.82
N VAL A 179 10.49 12.79 -2.50
CA VAL A 179 11.33 13.60 -3.38
C VAL A 179 11.34 13.04 -4.78
N PHE A 180 11.21 13.95 -5.75
CA PHE A 180 11.33 13.57 -7.16
C PHE A 180 11.89 14.73 -7.95
N PHE A 181 12.43 14.44 -9.12
CA PHE A 181 12.90 15.49 -10.02
C PHE A 181 11.78 15.90 -10.94
N HIS A 182 11.52 17.20 -10.99
CA HIS A 182 10.45 17.76 -11.80
C HIS A 182 11.05 18.33 -13.08
N ARG A 183 10.90 17.58 -14.18
CA ARG A 183 11.53 17.92 -15.45
C ARG A 183 11.03 19.26 -16.01
N GLN A 184 9.73 19.50 -15.85
CA GLN A 184 9.08 20.71 -16.38
C GLN A 184 9.67 22.00 -15.84
N SER A 185 10.14 21.97 -14.58
CA SER A 185 10.79 23.14 -13.96
C SER A 185 12.30 22.98 -13.72
N GLY A 186 12.82 21.77 -13.86
CA GLY A 186 14.26 21.54 -13.66
C GLY A 186 14.72 21.54 -12.21
N ASN A 187 13.77 21.41 -11.27
CA ASN A 187 14.06 21.39 -9.85
C ASN A 187 13.71 20.05 -9.21
N TRP A 188 14.45 19.68 -8.18
CA TRP A 188 14.05 18.64 -7.24
C TRP A 188 12.89 19.17 -6.42
N ILE A 189 11.92 18.31 -6.14
CA ILE A 189 10.74 18.66 -5.35
C ILE A 189 10.72 17.78 -4.11
N MET A 190 10.45 18.38 -2.95
CA MET A 190 10.19 17.61 -1.74
C MET A 190 8.81 17.92 -1.24
N VAL A 191 8.04 16.87 -0.98
CA VAL A 191 6.71 16.98 -0.37
C VAL A 191 6.86 16.43 1.04
N LEU A 192 6.55 17.25 2.04
CA LEU A 192 6.76 16.90 3.43
C LEU A 192 5.43 16.92 4.16
N ALA A 193 5.18 15.94 5.03
CA ALA A 193 3.91 15.86 5.75
C ALA A 193 4.00 16.51 7.13
N HIS A 194 2.90 17.10 7.56
CA HIS A 194 2.89 17.77 8.85
C HIS A 194 1.82 17.28 9.81
N GLY A 195 1.45 15.99 9.71
CA GLY A 195 0.65 15.37 10.77
C GLY A 195 -0.65 16.11 11.08
N GLY A 196 -0.81 16.44 12.35
CA GLY A 196 -2.03 17.10 12.83
C GLY A 196 -2.26 18.51 12.34
N GLN A 197 -1.26 19.08 11.68
CA GLN A 197 -1.42 20.35 10.99
C GLN A 197 -2.19 20.18 9.68
N ASP A 198 -2.40 18.92 9.28
CA ASP A 198 -3.28 18.60 8.16
C ASP A 198 -2.89 19.38 6.91
N LYS A 199 -1.60 19.34 6.60
CA LYS A 199 -1.06 19.91 5.37
C LYS A 199 0.18 19.15 4.93
N LEU A 200 0.52 19.30 3.66
CA LEU A 200 1.82 18.94 3.12
C LEU A 200 2.52 20.22 2.73
N SER A 201 3.83 20.28 2.89
CA SER A 201 4.61 21.40 2.37
C SER A 201 5.42 20.98 1.16
N PHE A 202 5.66 21.95 0.27
CA PHE A 202 6.35 21.72 -0.99
C PHE A 202 7.61 22.58 -1.01
N TRP A 203 8.74 21.94 -1.32
CA TRP A 203 10.06 22.56 -1.28
C TRP A 203 10.76 22.27 -2.61
N THR A 204 11.67 23.16 -3.00
CA THR A 204 12.48 22.96 -4.23
C THR A 204 13.98 23.01 -3.94
N SER A 205 14.77 22.32 -4.78
CA SER A 205 16.22 22.30 -4.64
C SER A 205 16.84 22.07 -6.02
N ALA A 206 18.01 22.66 -6.25
CA ALA A 206 18.78 22.38 -7.45
C ALA A 206 19.72 21.19 -7.25
N ASP A 207 20.10 20.94 -6.01
CA ASP A 207 21.21 20.04 -5.71
C ASP A 207 20.89 18.90 -4.74
N THR A 208 19.61 18.79 -4.34
CA THR A 208 19.07 17.77 -3.40
C THR A 208 19.41 18.05 -1.92
N ILE A 209 20.20 19.10 -1.69
CA ILE A 209 20.78 19.34 -0.38
C ILE A 209 20.29 20.67 0.21
N ASN A 210 20.22 21.69 -0.64
CA ASN A 210 19.77 23.01 -0.21
C ASN A 210 18.37 23.27 -0.70
N TRP A 211 17.43 23.31 0.25
CA TRP A 211 16.02 23.35 -0.05
C TRP A 211 15.37 24.70 0.25
N THR A 212 14.29 25.01 -0.44
CA THR A 212 13.58 26.27 -0.26
C THR A 212 12.09 25.99 -0.22
N TRP A 213 11.42 26.37 0.86
CA TRP A 213 9.97 26.21 0.94
C TRP A 213 9.25 27.03 -0.13
N GLN A 214 8.27 26.43 -0.78
CA GLN A 214 7.50 27.11 -1.83
C GLN A 214 6.03 27.32 -1.48
N SER A 215 5.37 26.30 -0.94
CA SER A 215 3.93 26.35 -0.69
C SER A 215 3.49 25.26 0.28
N ASP A 216 2.27 25.43 0.80
CA ASP A 216 1.59 24.41 1.59
C ASP A 216 0.33 23.95 0.86
N LEU A 217 0.04 22.67 0.97
CA LEU A 217 -1.24 22.11 0.55
C LEU A 217 -2.04 21.79 1.82
N LYS A 218 -3.05 22.61 2.14
CA LYS A 218 -3.92 22.43 3.34
C LYS A 218 -5.11 21.65 2.76
N SER A 219 -5.62 20.58 3.37
CA SER A 219 -6.81 20.54 4.21
C SER A 219 -7.91 21.46 3.72
N THR A 220 -7.87 22.72 4.13
CA THR A 220 -8.94 23.66 3.84
C THR A 220 -9.05 24.02 2.37
N SER A 221 -8.01 23.73 1.59
CA SER A 221 -8.02 24.04 0.15
C SER A 221 -8.61 22.94 -0.71
N ILE A 222 -8.81 21.76 -0.12
CA ILE A 222 -9.26 20.61 -0.91
C ILE A 222 -10.76 20.40 -0.77
N ASN A 223 -11.49 20.79 -1.82
CA ASN A 223 -12.94 20.66 -1.84
C ASN A 223 -13.37 19.20 -1.81
N GLY A 224 -14.23 18.86 -0.87
CA GLY A 224 -14.75 17.51 -0.75
C GLY A 224 -13.99 16.65 0.24
N LEU A 225 -12.91 17.20 0.79
CA LEU A 225 -12.13 16.48 1.81
C LEU A 225 -12.65 16.80 3.21
N SER A 226 -13.19 15.78 3.88
CA SER A 226 -13.75 15.90 5.24
C SER A 226 -12.72 16.39 6.26
N SER A 227 -13.22 17.17 7.23
CA SER A 227 -12.42 17.71 8.32
C SER A 227 -11.98 16.60 9.28
N ASP A 228 -12.65 15.46 9.14
CA ASP A 228 -12.40 14.25 9.88
C ASP A 228 -11.05 13.62 9.48
N ILE A 229 -10.55 14.00 8.31
CA ILE A 229 -9.34 13.39 7.75
C ILE A 229 -8.10 14.18 8.18
N THR A 230 -7.51 13.69 9.27
CA THR A 230 -6.49 14.42 9.99
C THR A 230 -5.25 13.56 10.17
N GLY A 231 -4.11 14.19 10.41
CA GLY A 231 -2.89 13.46 10.72
C GLY A 231 -2.21 12.99 9.46
N TRP A 232 -1.82 13.94 8.63
CA TRP A 232 -1.32 13.64 7.29
C TRP A 232 0.09 13.08 7.34
N GLU A 233 0.27 11.90 6.75
CA GLU A 233 1.56 11.18 6.78
C GLU A 233 1.83 10.48 5.46
N VAL A 234 3.08 10.10 5.23
CA VAL A 234 3.51 9.27 4.09
C VAL A 234 3.00 9.73 2.72
N PRO A 235 3.42 10.91 2.27
CA PRO A 235 3.03 11.35 0.93
C PRO A 235 3.83 10.62 -0.17
N ASP A 236 3.18 10.50 -1.31
CA ASP A 236 3.85 10.13 -2.56
C ASP A 236 3.22 11.03 -3.63
N MET A 237 3.93 11.19 -4.75
CA MET A 237 3.46 12.09 -5.80
C MET A 237 4.06 11.65 -7.11
N PHE A 238 3.22 11.61 -8.14
CA PHE A 238 3.65 11.13 -9.45
C PHE A 238 2.63 11.53 -10.50
N GLU A 239 3.08 11.51 -11.74
CA GLU A 239 2.15 11.69 -12.86
C GLU A 239 1.54 10.35 -13.25
N LEU A 240 0.25 10.35 -13.53
CA LEU A 240 -0.47 9.13 -13.93
C LEU A 240 -1.24 9.36 -15.22
N PRO A 241 -1.13 8.41 -16.18
CA PRO A 241 -2.05 8.46 -17.32
C PRO A 241 -3.50 8.35 -16.88
N VAL A 242 -4.38 9.10 -17.53
CA VAL A 242 -5.80 9.20 -17.14
C VAL A 242 -6.62 8.31 -18.06
N GLU A 243 -6.11 7.09 -18.27
CA GLU A 243 -6.19 6.41 -19.57
C GLU A 243 -5.13 7.15 -20.43
N GLY A 244 -4.85 6.73 -21.66
CA GLY A 244 -5.83 6.26 -22.62
C GLY A 244 -6.02 7.55 -23.41
N THR A 245 -6.87 8.44 -22.82
CA THR A 245 -7.18 9.76 -23.41
C THR A 245 -5.96 10.71 -23.60
N GLU A 246 -4.75 10.13 -23.66
CA GLU A 246 -3.49 10.89 -23.85
C GLU A 246 -3.17 11.88 -22.73
N GLU A 247 -4.18 12.19 -21.92
CA GLU A 247 -4.05 13.07 -20.75
C GLU A 247 -3.26 12.36 -19.64
N THR A 248 -2.40 13.11 -18.96
CA THR A 248 -1.82 12.67 -17.69
C THR A 248 -2.23 13.67 -16.62
N THR A 249 -2.24 13.20 -15.37
CA THR A 249 -2.56 14.09 -14.25
C THR A 249 -1.52 13.88 -13.15
N TRP A 250 -1.39 14.88 -12.29
CA TRP A 250 -0.59 14.69 -11.08
C TRP A 250 -1.45 14.03 -10.02
N VAL A 251 -0.83 13.12 -9.27
CA VAL A 251 -1.48 12.42 -8.18
C VAL A 251 -0.65 12.62 -6.91
N VAL A 252 -1.35 13.02 -5.84
CA VAL A 252 -0.80 12.94 -4.48
C VAL A 252 -1.52 11.82 -3.77
N MET A 253 -0.73 10.87 -3.28
CA MET A 253 -1.20 9.80 -2.42
C MET A 253 -0.69 10.05 -1.00
N MET A 254 -1.49 9.74 0.01
CA MET A 254 -0.99 9.87 1.38
C MET A 254 -1.78 8.97 2.33
N THR A 255 -1.26 8.82 3.53
CA THR A 255 -1.90 8.02 4.56
C THR A 255 -2.29 8.91 5.74
N PRO A 256 -3.49 9.49 5.72
CA PRO A 256 -3.97 10.19 6.92
C PRO A 256 -4.15 9.20 8.07
N ALA A 257 -3.96 9.69 9.29
CA ALA A 257 -4.07 8.87 10.49
C ALA A 257 -5.53 8.59 10.89
N GLU A 258 -6.45 9.41 10.40
CA GLU A 258 -7.86 9.25 10.73
C GLU A 258 -8.73 9.46 9.51
N GLY A 259 -9.88 8.80 9.51
CA GLY A 259 -10.92 9.09 8.51
C GLY A 259 -11.21 8.01 7.49
N SER A 260 -10.41 6.94 7.50
CA SER A 260 -10.54 5.89 6.49
C SER A 260 -11.86 5.14 6.62
N PRO A 261 -12.32 4.48 5.53
CA PRO A 261 -13.57 3.72 5.62
C PRO A 261 -13.66 2.73 6.81
N ALA A 262 -12.60 1.98 7.07
CA ALA A 262 -12.61 0.98 8.13
C ALA A 262 -12.24 1.58 9.50
N GLY A 263 -11.84 2.86 9.49
CA GLY A 263 -11.53 3.60 10.70
C GLY A 263 -10.04 3.69 10.93
N GLY A 264 -9.59 4.85 11.39
CA GLY A 264 -8.17 5.07 11.64
C GLY A 264 -7.42 5.32 10.36
N ASN A 265 -6.14 4.96 10.35
CA ASN A 265 -5.25 5.27 9.23
C ASN A 265 -5.76 4.62 7.96
N GLY A 266 -5.52 5.27 6.84
CA GLY A 266 -5.82 4.63 5.56
C GLY A 266 -5.16 5.42 4.46
N VAL A 267 -5.27 4.91 3.24
CA VAL A 267 -4.60 5.50 2.12
C VAL A 267 -5.59 6.12 1.15
N LEU A 268 -5.34 7.36 0.74
CA LEU A 268 -6.18 8.01 -0.27
C LEU A 268 -5.30 8.62 -1.36
N ALA A 269 -5.93 8.97 -2.48
CA ALA A 269 -5.22 9.61 -3.59
C ALA A 269 -6.05 10.77 -4.14
N ILE A 270 -5.36 11.86 -4.50
CA ILE A 270 -5.96 13.13 -4.94
C ILE A 270 -5.36 13.45 -6.30
N THR A 271 -6.19 13.88 -7.26
CA THR A 271 -5.63 14.33 -8.55
C THR A 271 -5.53 15.84 -8.53
N GLY A 272 -4.66 16.39 -9.37
CA GLY A 272 -4.57 17.84 -9.54
C GLY A 272 -3.49 18.30 -10.48
N SER A 273 -3.22 19.60 -10.46
CA SER A 273 -2.16 20.17 -11.28
C SER A 273 -0.99 20.61 -10.42
N PHE A 274 0.18 20.66 -11.05
CA PHE A 274 1.41 21.01 -10.37
C PHE A 274 2.31 21.83 -11.29
N ASP A 275 2.76 22.97 -10.79
CA ASP A 275 3.54 23.92 -11.58
C ASP A 275 5.01 24.01 -11.17
N GLY A 276 5.46 23.08 -10.34
CA GLY A 276 6.83 23.10 -9.84
C GLY A 276 6.95 23.73 -8.47
N LYS A 277 5.89 24.41 -8.05
CA LYS A 277 5.90 25.15 -6.78
C LYS A 277 4.70 24.84 -5.91
N SER A 278 3.52 24.69 -6.53
CA SER A 278 2.28 24.41 -5.80
C SER A 278 1.47 23.33 -6.48
N PHE A 279 0.88 22.45 -5.67
CA PHE A 279 -0.10 21.50 -6.16
C PHE A 279 -1.48 22.08 -5.94
N THR A 280 -2.28 22.11 -7.01
CA THR A 280 -3.67 22.54 -6.91
C THR A 280 -4.59 21.33 -7.06
N ALA A 281 -5.22 20.94 -5.97
CA ALA A 281 -6.07 19.76 -5.94
C ALA A 281 -7.35 19.93 -6.75
N ASP A 282 -7.71 18.92 -7.52
CA ASP A 282 -9.05 18.79 -8.06
C ASP A 282 -9.99 18.51 -6.87
N PRO A 283 -11.32 18.63 -7.08
CA PRO A 283 -12.19 18.18 -5.99
C PRO A 283 -12.07 16.66 -5.76
N VAL A 284 -12.17 16.26 -4.52
CA VAL A 284 -12.22 14.91 -4.23
C VAL A 284 -13.63 14.52 -4.00
N ASP A 285 -13.88 13.25 -4.26
CA ASP A 285 -15.08 12.60 -3.88
C ASP A 285 -14.75 11.52 -2.90
N ALA A 286 -15.33 11.58 -1.71
CA ALA A 286 -15.02 10.63 -0.69
C ALA A 286 -15.30 9.22 -1.04
N SER A 287 -16.20 9.00 -1.98
CA SER A 287 -16.59 7.67 -2.35
C SER A 287 -15.62 7.07 -3.35
N THR A 288 -14.66 7.83 -3.82
CA THR A 288 -13.66 7.30 -4.73
C THR A 288 -12.18 7.52 -4.37
N MET A 289 -11.91 8.35 -3.36
CA MET A 289 -10.54 8.76 -3.08
C MET A 289 -9.75 7.72 -2.26
N TRP A 290 -10.44 6.90 -1.49
CA TRP A 290 -9.73 5.93 -0.63
C TRP A 290 -9.31 4.72 -1.45
N LEU A 291 -8.08 4.26 -1.20
CA LEU A 291 -7.53 3.14 -1.97
C LEU A 291 -7.75 1.80 -1.29
N ASP A 292 -8.31 1.82 -0.09
CA ASP A 292 -8.64 0.56 0.61
C ASP A 292 -9.75 0.77 1.62
N ASN A 293 -10.71 -0.15 1.63
CA ASN A 293 -11.82 -0.15 2.58
C ASN A 293 -11.65 -1.11 3.77
N GLY A 294 -10.49 -1.76 3.86
CA GLY A 294 -10.19 -2.64 4.99
C GLY A 294 -9.27 -1.94 5.97
N ARG A 295 -9.00 -2.63 7.08
CA ARG A 295 -8.18 -2.06 8.14
C ARG A 295 -6.71 -2.02 7.76
N ASP A 296 -6.25 -3.03 7.03
CA ASP A 296 -4.81 -3.33 7.00
C ASP A 296 -4.17 -2.99 5.65
N PHE A 297 -4.09 -1.69 5.40
CA PHE A 297 -3.40 -1.17 4.23
C PHE A 297 -3.09 0.28 4.55
N ASP A 298 -1.85 0.52 4.96
CA ASP A 298 -1.45 1.88 5.38
C ASP A 298 -0.04 2.18 4.97
N GLY A 299 0.24 3.45 4.69
CA GLY A 299 1.60 3.85 4.41
C GLY A 299 2.09 3.41 3.04
N ALA A 300 1.19 3.50 2.06
CA ALA A 300 1.52 3.08 0.69
C ALA A 300 2.54 4.00 0.05
N LEU A 301 3.47 3.41 -0.71
CA LEU A 301 4.38 4.15 -1.58
C LEU A 301 4.41 3.43 -2.91
N SER A 302 4.86 4.14 -3.95
CA SER A 302 5.03 3.54 -5.26
C SER A 302 6.49 3.42 -5.65
N TRP A 303 6.77 2.47 -6.56
CA TRP A 303 8.12 2.32 -7.11
C TRP A 303 8.43 3.39 -8.14
N VAL A 304 9.51 4.12 -7.89
CA VAL A 304 9.98 5.14 -8.83
C VAL A 304 11.01 4.51 -9.75
N ASN A 305 11.33 5.23 -10.83
CA ASN A 305 12.38 4.83 -11.79
C ASN A 305 12.02 3.58 -12.62
N VAL A 306 10.74 3.30 -12.72
CA VAL A 306 10.29 2.14 -13.51
C VAL A 306 10.42 2.54 -14.99
N PRO A 307 11.07 1.70 -15.82
CA PRO A 307 11.22 2.09 -17.22
C PRO A 307 9.88 2.26 -17.92
N ALA A 308 9.82 3.18 -18.88
CA ALA A 308 8.59 3.49 -19.58
C ALA A 308 8.08 2.28 -20.37
N SER A 309 8.96 1.40 -20.81
CA SER A 309 8.56 0.15 -21.49
C SER A 309 7.65 -0.72 -20.61
N ASP A 310 7.86 -0.64 -19.30
CA ASP A 310 6.97 -1.24 -18.32
C ASP A 310 5.82 -0.26 -18.08
N GLY A 311 6.16 0.92 -17.56
CA GLY A 311 5.21 2.03 -17.46
C GLY A 311 4.19 1.98 -16.33
N ARG A 312 4.25 0.94 -15.51
CA ARG A 312 3.26 0.76 -14.46
C ARG A 312 3.54 1.62 -13.23
N ARG A 313 2.47 2.09 -12.60
CA ARG A 313 2.55 2.67 -11.26
C ARG A 313 2.16 1.56 -10.29
N ILE A 314 3.13 1.11 -9.50
CA ILE A 314 2.95 -0.05 -8.63
C ILE A 314 3.11 0.41 -7.19
N ILE A 315 2.13 0.07 -6.35
CA ILE A 315 2.13 0.49 -4.95
C ILE A 315 2.13 -0.71 -3.99
N ALA A 316 2.69 -0.48 -2.81
CA ALA A 316 2.62 -1.46 -1.71
C ALA A 316 2.57 -0.70 -0.41
N ALA A 317 2.00 -1.35 0.59
CA ALA A 317 1.79 -0.75 1.91
C ALA A 317 2.02 -1.80 2.98
N VAL A 318 2.07 -1.38 4.24
CA VAL A 318 2.12 -2.38 5.31
C VAL A 318 0.70 -2.83 5.67
N MET A 319 0.54 -4.11 5.97
CA MET A 319 -0.72 -4.69 6.46
C MET A 319 -0.50 -5.08 7.92
N ASN A 320 -0.84 -4.13 8.79
CA ASN A 320 -0.90 -4.32 10.23
C ASN A 320 -1.31 -3.00 10.88
N SER A 321 -2.62 -2.88 11.12
CA SER A 321 -3.17 -1.70 11.76
C SER A 321 -3.22 -1.86 13.29
N TYR A 322 -2.63 -2.93 13.84
CA TYR A 322 -2.85 -3.31 15.25
C TYR A 322 -1.62 -3.17 16.13
N GLY A 323 -0.62 -2.45 15.64
CA GLY A 323 0.62 -2.26 16.42
C GLY A 323 1.25 -3.58 16.81
N SER A 324 1.56 -3.73 18.10
CA SER A 324 2.22 -4.95 18.56
C SER A 324 1.28 -6.14 18.74
N ASN A 325 -0.03 -5.91 18.56
CA ASN A 325 -1.05 -6.92 18.91
C ASN A 325 -1.17 -8.19 18.05
N PRO A 326 -0.78 -8.16 16.76
CA PRO A 326 -0.96 -9.45 16.06
C PRO A 326 -0.23 -10.62 16.73
N PRO A 327 -0.84 -11.82 16.70
CA PRO A 327 -0.31 -12.99 17.42
C PRO A 327 0.85 -13.68 16.67
N THR A 328 1.85 -12.88 16.30
CA THR A 328 3.06 -13.35 15.61
C THR A 328 4.27 -12.98 16.45
N THR A 329 5.20 -13.92 16.58
CA THR A 329 6.29 -13.80 17.55
C THR A 329 7.64 -13.43 16.93
N THR A 330 8.02 -14.12 15.85
CA THR A 330 9.34 -13.91 15.28
C THR A 330 9.36 -12.79 14.23
N TRP A 331 8.18 -12.23 13.94
CA TRP A 331 8.03 -11.14 12.98
C TRP A 331 6.73 -10.43 13.31
N LYS A 332 6.60 -9.18 12.83
CA LYS A 332 5.30 -8.48 12.83
C LYS A 332 5.29 -7.54 11.66
N GLY A 333 4.12 -7.42 11.03
CA GLY A 333 3.98 -6.55 9.87
C GLY A 333 4.32 -7.31 8.60
N MET A 334 3.49 -7.13 7.58
CA MET A 334 3.72 -7.74 6.29
C MET A 334 3.44 -6.75 5.19
N LEU A 335 4.08 -6.93 4.04
CA LEU A 335 3.80 -6.07 2.90
C LEU A 335 2.57 -6.59 2.17
N SER A 336 1.71 -5.67 1.73
CA SER A 336 0.63 -6.03 0.81
C SER A 336 1.25 -6.60 -0.45
N PHE A 337 0.44 -7.36 -1.20
CA PHE A 337 0.94 -7.85 -2.46
C PHE A 337 0.98 -6.69 -3.44
N PRO A 338 2.12 -6.46 -4.13
CA PRO A 338 2.19 -5.27 -5.01
C PRO A 338 1.05 -5.21 -6.02
N ARG A 339 0.53 -4.02 -6.20
CA ARG A 339 -0.61 -3.83 -7.07
C ARG A 339 -0.43 -2.56 -7.89
N THR A 340 -0.91 -2.61 -9.12
CA THR A 340 -0.92 -1.41 -9.95
C THR A 340 -2.00 -0.45 -9.47
N LEU A 341 -1.72 0.83 -9.68
CA LEU A 341 -2.68 1.90 -9.46
C LEU A 341 -2.88 2.59 -10.79
N SER A 342 -4.14 2.67 -11.22
CA SER A 342 -4.47 3.31 -12.50
C SER A 342 -5.69 4.19 -12.34
N LEU A 343 -5.86 5.11 -13.28
CA LEU A 343 -7.09 5.89 -13.39
C LEU A 343 -7.79 5.46 -14.66
N LYS A 344 -8.99 4.96 -14.50
CA LYS A 344 -9.79 4.67 -15.66
C LYS A 344 -11.25 4.83 -15.39
N LYS A 345 -12.01 4.96 -16.46
CA LYS A 345 -13.45 4.86 -16.38
C LYS A 345 -13.90 3.47 -16.05
N VAL A 346 -14.75 3.35 -15.06
CA VAL A 346 -15.49 2.15 -14.88
C VAL A 346 -16.95 2.47 -15.13
N GLY A 347 -17.44 1.91 -16.22
CA GLY A 347 -18.41 2.58 -17.06
C GLY A 347 -18.08 4.04 -17.26
N THR A 348 -18.84 4.91 -16.65
CA THR A 348 -18.74 6.31 -16.96
C THR A 348 -18.04 7.12 -15.92
N GLN A 349 -17.64 6.48 -14.84
CA GLN A 349 -17.11 7.26 -13.75
C GLN A 349 -15.63 6.98 -13.70
N GLN A 350 -14.80 8.01 -13.61
CA GLN A 350 -13.39 7.85 -13.31
C GLN A 350 -13.07 7.37 -11.88
N HIS A 351 -12.32 6.29 -11.82
CA HIS A 351 -11.93 5.72 -10.54
C HIS A 351 -10.43 5.46 -10.54
N PHE A 352 -9.84 5.57 -9.35
CA PHE A 352 -8.59 4.85 -9.09
C PHE A 352 -8.93 3.38 -9.01
N VAL A 353 -8.23 2.56 -9.80
CA VAL A 353 -8.42 1.13 -9.76
C VAL A 353 -7.10 0.44 -9.48
N GLN A 354 -7.19 -0.66 -8.74
CA GLN A 354 -6.00 -1.39 -8.33
C GLN A 354 -6.15 -2.86 -8.67
N GLN A 355 -5.07 -3.46 -9.10
CA GLN A 355 -5.06 -4.88 -9.43
C GLN A 355 -3.71 -5.48 -9.06
N PRO A 356 -3.70 -6.72 -8.55
CA PRO A 356 -2.41 -7.37 -8.30
C PRO A 356 -1.53 -7.35 -9.55
N ILE A 357 -0.23 -7.18 -9.36
CA ILE A 357 0.69 -7.22 -10.50
C ILE A 357 0.59 -8.54 -11.26
N THR A 358 0.78 -8.47 -12.57
CA THR A 358 0.59 -9.67 -13.40
C THR A 358 1.65 -10.73 -13.13
N GLU A 359 2.77 -10.34 -12.52
CA GLU A 359 3.82 -11.30 -12.14
C GLU A 359 3.26 -12.45 -11.30
N LEU A 360 2.21 -12.17 -10.53
CA LEU A 360 1.59 -13.20 -9.67
C LEU A 360 1.15 -14.42 -10.48
N ASP A 361 0.74 -14.18 -11.73
CA ASP A 361 0.19 -15.26 -12.52
C ASP A 361 1.28 -16.32 -12.81
N THR A 362 2.55 -15.92 -12.73
CA THR A 362 3.69 -16.83 -12.98
C THR A 362 3.97 -17.80 -11.83
N ILE A 363 3.44 -17.50 -10.63
CA ILE A 363 3.65 -18.38 -9.48
C ILE A 363 2.35 -19.03 -9.00
N SER A 364 1.31 -18.93 -9.82
CA SER A 364 0.02 -19.51 -9.45
C SER A 364 -0.36 -20.61 -10.43
N THR A 365 -1.14 -21.58 -9.94
CA THR A 365 -1.55 -22.73 -10.73
C THR A 365 -3.00 -23.08 -10.37
N SER A 366 -3.85 -23.31 -11.37
CA SER A 366 -5.27 -23.60 -11.10
C SER A 366 -5.48 -24.97 -10.48
N LEU A 367 -6.18 -24.97 -9.35
CA LEU A 367 -6.65 -26.19 -8.70
C LEU A 367 -8.08 -26.50 -9.12
N GLN A 368 -8.85 -25.47 -9.45
CA GLN A 368 -10.24 -25.65 -9.88
C GLN A 368 -10.66 -24.50 -10.77
N ILE A 369 -11.28 -24.83 -11.90
CA ILE A 369 -11.85 -23.81 -12.77
C ILE A 369 -13.30 -24.24 -13.01
N LEU A 370 -14.20 -23.26 -12.99
CA LEU A 370 -15.59 -23.45 -13.43
C LEU A 370 -15.86 -22.44 -14.53
N ALA A 371 -16.69 -22.84 -15.51
CA ALA A 371 -17.16 -21.91 -16.54
C ALA A 371 -18.66 -22.12 -16.75
N ASN A 372 -19.39 -21.01 -16.72
CA ASN A 372 -20.84 -21.00 -17.00
C ASN A 372 -21.63 -22.01 -16.21
N GLN A 373 -21.37 -22.02 -14.90
CA GLN A 373 -22.01 -22.95 -14.00
C GLN A 373 -23.07 -22.24 -13.19
N THR A 374 -24.25 -22.82 -13.15
CA THR A 374 -25.31 -22.26 -12.33
C THR A 374 -25.17 -22.71 -10.89
N ILE A 375 -25.27 -21.77 -9.98
CA ILE A 375 -25.30 -22.08 -8.56
C ILE A 375 -26.65 -21.68 -7.99
N THR A 376 -27.22 -22.56 -7.16
CA THR A 376 -28.54 -22.39 -6.57
C THR A 376 -28.43 -22.57 -5.06
N PRO A 377 -29.36 -21.97 -4.29
CA PRO A 377 -29.34 -22.16 -2.85
C PRO A 377 -29.33 -23.63 -2.43
N GLY A 378 -28.50 -23.96 -1.44
CA GLY A 378 -28.38 -25.33 -0.96
C GLY A 378 -27.14 -26.03 -1.49
N GLN A 379 -26.67 -25.59 -2.65
CA GLN A 379 -25.43 -26.09 -3.23
C GLN A 379 -24.23 -25.45 -2.54
N THR A 380 -23.17 -26.24 -2.36
CA THR A 380 -21.89 -25.70 -1.91
C THR A 380 -20.81 -26.10 -2.90
N LEU A 381 -20.20 -25.12 -3.55
CA LEU A 381 -19.14 -25.42 -4.50
C LEU A 381 -17.76 -25.14 -3.90
N LEU A 382 -16.75 -25.64 -4.59
CA LEU A 382 -15.34 -25.51 -4.18
C LEU A 382 -14.95 -26.33 -2.94
N SER A 383 -15.79 -27.31 -2.58
CA SER A 383 -15.67 -28.05 -1.32
C SER A 383 -14.46 -28.97 -1.18
N SER A 384 -13.81 -29.30 -2.30
CA SER A 384 -12.65 -30.18 -2.23
C SER A 384 -11.34 -29.43 -2.02
N ILE A 385 -11.34 -28.12 -2.29
CA ILE A 385 -10.12 -27.32 -2.21
C ILE A 385 -9.55 -27.31 -0.79
N ARG A 386 -8.23 -27.49 -0.71
CA ARG A 386 -7.52 -27.22 0.54
C ARG A 386 -6.34 -26.35 0.22
N GLY A 387 -6.27 -25.19 0.87
CA GLY A 387 -5.12 -24.32 0.69
C GLY A 387 -5.16 -23.10 1.57
N THR A 388 -3.97 -22.69 2.00
CA THR A 388 -3.82 -21.45 2.77
C THR A 388 -3.28 -20.30 1.94
N ALA A 389 -2.75 -20.62 0.75
CA ALA A 389 -2.19 -19.63 -0.18
C ALA A 389 -2.92 -19.79 -1.50
N LEU A 390 -3.90 -18.90 -1.72
CA LEU A 390 -4.80 -19.03 -2.88
C LEU A 390 -5.04 -17.69 -3.56
N ASP A 391 -5.35 -17.75 -4.85
CA ASP A 391 -5.73 -16.57 -5.61
C ASP A 391 -6.99 -17.01 -6.28
N VAL A 392 -8.12 -16.49 -5.81
CA VAL A 392 -9.40 -16.94 -6.36
C VAL A 392 -10.19 -15.85 -7.03
N ARG A 393 -10.61 -16.16 -8.26
CA ARG A 393 -11.37 -15.24 -9.10
C ARG A 393 -12.77 -15.80 -9.24
N VAL A 394 -13.76 -14.93 -9.04
CA VAL A 394 -15.17 -15.30 -9.27
C VAL A 394 -15.85 -14.19 -10.06
N ALA A 395 -16.43 -14.55 -11.20
CA ALA A 395 -17.14 -13.57 -12.02
C ALA A 395 -18.50 -14.17 -12.32
N PHE A 396 -19.55 -13.41 -12.06
CA PHE A 396 -20.89 -14.00 -11.98
C PHE A 396 -22.03 -13.02 -12.27
N TYR A 397 -23.15 -13.59 -12.71
CA TYR A 397 -24.36 -12.81 -12.97
C TYR A 397 -25.35 -13.17 -11.87
N PRO A 398 -25.50 -12.28 -10.87
CA PRO A 398 -26.40 -12.60 -9.77
C PRO A 398 -27.86 -12.34 -10.13
N ASP A 399 -28.75 -13.20 -9.64
CA ASP A 399 -30.17 -12.87 -9.68
C ASP A 399 -30.42 -11.65 -8.81
N ALA A 400 -31.44 -10.87 -9.16
CA ALA A 400 -31.89 -9.77 -8.32
C ALA A 400 -32.20 -10.31 -6.92
N GLY A 401 -31.62 -9.68 -5.90
CA GLY A 401 -31.90 -10.03 -4.51
C GLY A 401 -31.10 -11.21 -3.97
N SER A 402 -30.17 -11.71 -4.78
CA SER A 402 -29.30 -12.80 -4.33
C SER A 402 -28.11 -12.30 -3.52
N VAL A 403 -27.56 -13.18 -2.70
CA VAL A 403 -26.32 -12.89 -1.97
C VAL A 403 -25.38 -14.04 -2.28
N LEU A 404 -24.23 -13.72 -2.87
CA LEU A 404 -23.20 -14.73 -3.13
C LEU A 404 -22.17 -14.66 -2.03
N SER A 405 -21.82 -15.82 -1.49
CA SER A 405 -20.85 -15.92 -0.40
C SER A 405 -19.69 -16.82 -0.76
N LEU A 406 -18.47 -16.30 -0.61
CA LEU A 406 -17.25 -17.08 -0.74
C LEU A 406 -16.57 -17.08 0.61
N ALA A 407 -16.59 -18.24 1.26
CA ALA A 407 -15.88 -18.43 2.52
C ALA A 407 -14.49 -18.92 2.20
N VAL A 408 -13.48 -18.21 2.72
CA VAL A 408 -12.08 -18.63 2.58
C VAL A 408 -11.51 -18.96 3.96
N ARG A 409 -10.40 -19.68 3.97
CA ARG A 409 -9.79 -20.15 5.23
C ARG A 409 -10.86 -20.74 6.15
N LYS A 410 -11.58 -21.69 5.59
CA LYS A 410 -12.73 -22.29 6.27
C LYS A 410 -12.36 -23.59 6.97
N GLY A 411 -12.74 -23.69 8.24
CA GLY A 411 -12.58 -24.90 9.05
C GLY A 411 -13.92 -25.29 9.62
N ALA A 412 -13.92 -26.09 10.69
CA ALA A 412 -15.17 -26.51 11.31
C ALA A 412 -15.94 -25.35 11.94
N SER A 413 -15.20 -24.41 12.55
CA SER A 413 -15.77 -23.31 13.32
C SER A 413 -15.14 -21.96 12.97
N GLU A 414 -14.41 -21.93 11.86
CA GLU A 414 -13.78 -20.70 11.38
C GLU A 414 -14.08 -20.49 9.91
N GLN A 415 -14.16 -19.22 9.53
CA GLN A 415 -14.23 -18.84 8.13
C GLN A 415 -14.13 -17.34 8.01
N THR A 416 -13.63 -16.90 6.86
CA THR A 416 -13.60 -15.48 6.51
C THR A 416 -14.48 -15.35 5.29
N VAL A 417 -15.55 -14.57 5.41
CA VAL A 417 -16.58 -14.60 4.37
C VAL A 417 -16.61 -13.33 3.55
N ILE A 418 -16.47 -13.52 2.24
CA ILE A 418 -16.57 -12.45 1.28
C ILE A 418 -17.97 -12.56 0.66
N LYS A 419 -18.75 -11.49 0.74
CA LYS A 419 -20.13 -11.55 0.25
C LYS A 419 -20.40 -10.47 -0.77
N TYR A 420 -21.20 -10.81 -1.77
CA TYR A 420 -21.76 -9.81 -2.65
C TYR A 420 -23.29 -9.78 -2.48
N THR A 421 -23.80 -8.64 -2.03
CA THR A 421 -25.22 -8.46 -1.83
C THR A 421 -25.72 -7.66 -3.02
N GLN A 422 -26.50 -8.32 -3.87
CA GLN A 422 -26.91 -7.70 -5.12
C GLN A 422 -27.78 -6.47 -4.86
N SER A 423 -28.72 -6.58 -3.91
CA SER A 423 -29.74 -5.54 -3.70
C SER A 423 -29.17 -4.17 -3.29
N ASP A 424 -28.06 -4.18 -2.56
CA ASP A 424 -27.44 -2.90 -2.18
C ASP A 424 -26.05 -2.68 -2.79
N ALA A 425 -25.72 -3.50 -3.79
CA ALA A 425 -24.45 -3.39 -4.54
C ALA A 425 -23.25 -3.25 -3.59
N THR A 426 -23.14 -4.18 -2.66
CA THR A 426 -22.12 -4.07 -1.62
C THR A 426 -21.28 -5.34 -1.55
N LEU A 427 -19.97 -5.13 -1.57
CA LEU A 427 -18.97 -6.17 -1.35
C LEU A 427 -18.58 -6.09 0.12
N SER A 428 -18.62 -7.22 0.82
CA SER A 428 -18.28 -7.21 2.24
C SER A 428 -17.27 -8.30 2.58
N VAL A 429 -16.45 -8.03 3.58
CA VAL A 429 -15.50 -9.00 4.13
C VAL A 429 -15.78 -9.12 5.62
N ASP A 430 -16.21 -10.31 6.03
CA ASP A 430 -16.70 -10.56 7.37
C ASP A 430 -15.67 -11.42 8.11
N ARG A 431 -15.04 -10.85 9.14
CA ARG A 431 -14.05 -11.53 9.95
C ARG A 431 -14.54 -11.94 11.33
N THR A 432 -15.87 -11.91 11.53
CA THR A 432 -16.46 -12.26 12.83
C THR A 432 -16.10 -13.66 13.32
N GLU A 433 -15.86 -14.58 12.38
CA GLU A 433 -15.51 -15.96 12.72
C GLU A 433 -14.17 -16.37 12.12
N SER A 434 -13.28 -15.40 11.86
CA SER A 434 -12.06 -15.71 11.10
C SER A 434 -11.07 -16.64 11.80
N GLY A 435 -11.10 -16.63 13.13
CA GLY A 435 -10.12 -17.39 13.91
C GLY A 435 -9.81 -16.61 15.18
N ASP A 436 -8.53 -16.28 15.38
CA ASP A 436 -8.15 -15.47 16.53
C ASP A 436 -8.48 -14.01 16.22
N ILE A 437 -9.56 -13.51 16.82
CA ILE A 437 -9.90 -12.09 16.76
C ILE A 437 -9.80 -11.46 18.14
N SER A 438 -9.15 -12.17 19.06
CA SER A 438 -9.03 -11.72 20.45
C SER A 438 -7.94 -10.67 20.62
N TYR A 439 -7.05 -10.59 19.64
CA TYR A 439 -5.78 -9.85 19.82
C TYR A 439 -5.92 -8.33 19.75
N ASP A 440 -7.01 -7.85 19.16
CA ASP A 440 -7.31 -6.42 19.05
C ASP A 440 -8.81 -6.23 18.88
N PRO A 441 -9.38 -5.19 19.50
CA PRO A 441 -10.81 -4.89 19.32
C PRO A 441 -11.25 -4.71 17.87
N ALA A 442 -10.31 -4.35 16.99
CA ALA A 442 -10.67 -4.08 15.60
C ALA A 442 -10.36 -5.26 14.65
N ALA A 443 -10.05 -6.41 15.24
CA ALA A 443 -9.61 -7.60 14.48
C ALA A 443 -10.72 -8.32 13.73
N GLY A 444 -11.97 -8.07 14.11
CA GLY A 444 -13.10 -8.80 13.52
C GLY A 444 -14.02 -7.89 12.73
N GLY A 445 -15.32 -8.02 12.96
CA GLY A 445 -16.28 -7.14 12.32
C GLY A 445 -16.43 -7.38 10.82
N VAL A 446 -17.07 -6.42 10.15
CA VAL A 446 -17.36 -6.52 8.73
C VAL A 446 -16.94 -5.23 8.04
N HIS A 447 -16.18 -5.34 6.95
CA HIS A 447 -15.80 -4.19 6.15
C HIS A 447 -16.54 -4.26 4.83
N THR A 448 -16.81 -3.10 4.23
CA THR A 448 -17.68 -3.03 3.06
C THR A 448 -17.16 -2.03 2.04
N ALA A 449 -17.46 -2.31 0.77
CA ALA A 449 -17.21 -1.37 -0.30
C ALA A 449 -18.34 -1.47 -1.33
N LYS A 450 -18.63 -0.35 -1.99
CA LYS A 450 -19.59 -0.33 -3.09
C LYS A 450 -19.00 -1.05 -4.30
N LEU A 451 -19.79 -1.95 -4.88
CA LEU A 451 -19.42 -2.68 -6.07
C LEU A 451 -20.65 -2.91 -6.95
N GLU A 452 -20.62 -2.37 -8.16
CA GLU A 452 -21.77 -2.49 -9.07
C GLU A 452 -21.54 -3.57 -10.11
N GLU A 453 -22.64 -4.14 -10.61
CA GLU A 453 -22.59 -4.93 -11.84
C GLU A 453 -22.02 -4.04 -12.95
N ASP A 454 -21.28 -4.63 -13.88
CA ASP A 454 -20.86 -3.85 -15.05
C ASP A 454 -22.00 -3.76 -16.07
N GLY A 455 -21.72 -3.15 -17.21
CA GLY A 455 -22.73 -2.96 -18.24
C GLY A 455 -23.23 -4.23 -18.91
N THR A 456 -22.63 -5.38 -18.57
CA THR A 456 -23.09 -6.68 -19.09
C THR A 456 -23.84 -7.45 -18.00
N GLY A 457 -23.94 -6.88 -16.81
CA GLY A 457 -24.58 -7.54 -15.68
C GLY A 457 -23.63 -8.35 -14.80
N LEU A 458 -22.34 -8.32 -15.16
CA LEU A 458 -21.33 -9.16 -14.50
C LEU A 458 -20.78 -8.50 -13.25
N VAL A 459 -20.62 -9.30 -12.20
CA VAL A 459 -19.92 -8.85 -10.98
C VAL A 459 -18.63 -9.66 -10.87
N SER A 460 -17.51 -8.98 -10.61
CA SER A 460 -16.22 -9.66 -10.54
C SER A 460 -15.59 -9.44 -9.18
N ILE A 461 -15.10 -10.53 -8.59
CA ILE A 461 -14.43 -10.49 -7.30
C ILE A 461 -13.16 -11.33 -7.37
N ARG A 462 -12.07 -10.80 -6.82
CA ARG A 462 -10.85 -11.58 -6.73
C ARG A 462 -10.33 -11.46 -5.31
N VAL A 463 -9.84 -12.58 -4.78
CA VAL A 463 -9.31 -12.58 -3.42
C VAL A 463 -7.96 -13.28 -3.38
N LEU A 464 -6.97 -12.55 -2.88
CA LEU A 464 -5.69 -13.15 -2.51
C LEU A 464 -5.75 -13.60 -1.09
N VAL A 465 -5.56 -14.90 -0.89
CA VAL A 465 -5.57 -15.51 0.43
C VAL A 465 -4.13 -15.95 0.76
N ASP A 466 -3.66 -15.62 1.96
CA ASP A 466 -2.36 -16.13 2.43
C ASP A 466 -2.52 -16.49 3.91
N THR A 467 -1.42 -16.87 4.55
CA THR A 467 -1.50 -17.47 5.87
C THR A 467 -2.27 -16.60 6.87
N CYS A 468 -2.10 -15.28 6.77
CA CYS A 468 -2.81 -14.40 7.69
C CYS A 468 -3.38 -13.16 7.03
N SER A 469 -3.86 -13.30 5.79
CA SER A 469 -4.38 -12.12 5.11
C SER A 469 -5.38 -12.46 4.02
N VAL A 470 -6.28 -11.49 3.77
CA VAL A 470 -7.07 -11.45 2.55
C VAL A 470 -6.92 -10.07 1.92
N GLU A 471 -6.84 -10.06 0.60
CA GLU A 471 -6.89 -8.83 -0.18
C GLU A 471 -7.94 -9.06 -1.25
N VAL A 472 -9.02 -8.28 -1.16
CA VAL A 472 -10.22 -8.52 -1.97
C VAL A 472 -10.39 -7.37 -2.96
N PHE A 473 -10.48 -7.71 -4.24
CA PHE A 473 -10.59 -6.70 -5.31
C PHE A 473 -11.92 -6.86 -6.03
N GLY A 474 -12.67 -5.78 -6.09
CA GLY A 474 -13.99 -5.83 -6.71
C GLY A 474 -13.98 -5.14 -8.06
N GLY A 475 -14.68 -5.73 -9.02
CA GLY A 475 -14.90 -5.09 -10.31
C GLY A 475 -13.60 -5.05 -11.08
N GLN A 476 -13.27 -3.86 -11.58
CA GLN A 476 -12.00 -3.62 -12.25
C GLN A 476 -10.93 -3.22 -11.24
N GLY A 477 -11.28 -3.27 -9.96
CA GLY A 477 -10.38 -2.86 -8.88
C GLY A 477 -10.73 -1.52 -8.28
N GLU A 478 -11.96 -1.04 -8.54
CA GLU A 478 -12.43 0.19 -7.89
C GLU A 478 -12.80 -0.02 -6.43
N ALA A 479 -12.93 -1.27 -6.02
CA ALA A 479 -13.25 -1.63 -4.65
C ALA A 479 -12.15 -2.57 -4.17
N VAL A 480 -11.49 -2.21 -3.07
CA VAL A 480 -10.43 -3.06 -2.49
C VAL A 480 -10.59 -3.10 -0.97
N ILE A 481 -10.54 -4.30 -0.40
CA ILE A 481 -10.56 -4.48 1.06
C ILE A 481 -9.42 -5.42 1.45
N SER A 482 -8.46 -4.89 2.22
CA SER A 482 -7.30 -5.67 2.67
C SER A 482 -7.30 -5.78 4.18
N ASP A 483 -7.20 -7.02 4.67
CA ASP A 483 -7.32 -7.26 6.10
C ASP A 483 -6.49 -8.46 6.55
N LEU A 484 -5.91 -8.34 7.74
CA LEU A 484 -5.30 -9.51 8.38
C LEU A 484 -6.38 -10.42 8.95
N ILE A 485 -6.08 -11.71 8.96
CA ILE A 485 -6.91 -12.74 9.58
C ILE A 485 -5.97 -13.75 10.22
N PHE A 486 -6.39 -14.38 11.31
CA PHE A 486 -5.58 -15.38 12.00
C PHE A 486 -6.34 -16.70 12.23
N PRO A 487 -6.62 -17.42 11.14
CA PRO A 487 -7.27 -18.72 11.22
C PRO A 487 -6.31 -19.80 11.65
N SER A 488 -6.85 -20.89 12.16
CA SER A 488 -6.07 -22.10 12.40
C SER A 488 -5.48 -22.58 11.10
N ASP A 489 -4.33 -23.23 11.18
CA ASP A 489 -3.71 -23.81 9.98
C ASP A 489 -4.65 -24.80 9.30
N SER A 490 -5.46 -25.49 10.08
CA SER A 490 -6.42 -26.48 9.56
C SER A 490 -7.65 -25.85 8.90
N SER A 491 -7.83 -24.53 9.05
CA SER A 491 -8.91 -23.85 8.39
C SER A 491 -8.43 -23.47 6.99
N ASP A 492 -8.50 -24.44 6.09
CA ASP A 492 -7.89 -24.33 4.78
C ASP A 492 -8.87 -24.63 3.65
N GLY A 493 -10.16 -24.66 3.97
CA GLY A 493 -11.17 -24.92 2.94
C GLY A 493 -11.78 -23.68 2.32
N LEU A 494 -12.64 -23.92 1.33
CA LEU A 494 -13.43 -22.88 0.67
C LEU A 494 -14.86 -23.33 0.63
N ALA A 495 -15.79 -22.38 0.58
CA ALA A 495 -17.19 -22.69 0.29
C ALA A 495 -17.78 -21.56 -0.53
N LEU A 496 -18.36 -21.90 -1.68
CA LEU A 496 -19.06 -20.92 -2.50
C LEU A 496 -20.55 -21.27 -2.48
N GLU A 497 -21.38 -20.31 -2.05
CA GLU A 497 -22.81 -20.53 -1.86
C GLU A 497 -23.58 -19.30 -2.30
N VAL A 498 -24.87 -19.49 -2.59
CA VAL A 498 -25.75 -18.37 -2.92
C VAL A 498 -27.05 -18.52 -2.13
N THR A 499 -27.61 -17.39 -1.73
CA THR A 499 -28.93 -17.37 -1.10
C THR A 499 -29.78 -16.30 -1.75
N GLY A 500 -31.10 -16.47 -1.63
CA GLY A 500 -32.07 -15.47 -2.07
C GLY A 500 -32.24 -15.40 -3.57
N GLY A 501 -31.67 -16.38 -4.26
CA GLY A 501 -31.73 -16.45 -5.72
C GLY A 501 -30.59 -17.31 -6.25
N ASN A 502 -30.57 -17.31 -7.49
CA ASN A 502 -29.51 -18.07 -8.15
C ASN A 502 -28.39 -17.16 -8.64
N ALA A 503 -27.24 -17.69 -9.17
CA ALA A 503 -26.27 -16.93 -9.93
C ALA A 503 -25.70 -17.83 -11.03
N VAL A 504 -25.34 -17.23 -12.15
CA VAL A 504 -24.57 -17.94 -13.15
C VAL A 504 -23.11 -17.53 -12.95
N LEU A 505 -22.28 -18.51 -12.64
CA LEU A 505 -20.85 -18.27 -12.47
C LEU A 505 -20.20 -18.31 -13.84
N GLN A 506 -19.92 -17.14 -14.39
CA GLN A 506 -19.28 -17.07 -15.69
C GLN A 506 -17.94 -17.76 -15.61
N SER A 507 -17.18 -17.45 -14.56
CA SER A 507 -15.88 -18.08 -14.37
C SER A 507 -15.51 -18.09 -12.91
N VAL A 508 -14.97 -19.22 -12.48
CA VAL A 508 -14.31 -19.31 -11.17
C VAL A 508 -12.95 -19.90 -11.45
N ASP A 509 -11.90 -19.33 -10.85
CA ASP A 509 -10.56 -19.91 -11.01
C ASP A 509 -9.94 -19.86 -9.63
N VAL A 510 -9.74 -21.02 -9.04
CA VAL A 510 -9.06 -21.13 -7.74
C VAL A 510 -7.66 -21.57 -8.02
N ARG A 511 -6.70 -20.69 -7.73
CA ARG A 511 -5.29 -20.99 -7.98
C ARG A 511 -4.53 -21.13 -6.67
N SER A 512 -3.67 -22.13 -6.62
CA SER A 512 -2.71 -22.19 -5.50
C SER A 512 -1.52 -21.31 -5.84
N VAL A 513 -0.94 -20.65 -4.83
CA VAL A 513 0.20 -19.77 -5.05
C VAL A 513 1.40 -20.31 -4.29
N SER A 514 2.54 -20.40 -4.98
CA SER A 514 3.77 -20.88 -4.34
C SER A 514 4.96 -20.18 -4.95
N LEU A 515 5.83 -19.69 -4.08
CA LEU A 515 7.12 -19.18 -4.52
C LEU A 515 8.00 -20.38 -4.90
N GLU A 516 9.02 -20.13 -5.72
CA GLU A 516 10.00 -21.19 -5.98
C GLU A 516 11.31 -20.99 -5.20
#